data_1W1S
#
_entry.id   1W1S
#
_cell.length_a   168.683
_cell.length_b   168.683
_cell.length_c   53.759
_cell.angle_alpha   90.00
_cell.angle_beta   90.00
_cell.angle_gamma   90.00
#
_symmetry.space_group_name_H-M   'P 42 21 2'
#
loop_
_entity.id
_entity.type
_entity.pdbx_description
1 polymer 'CYTOKININ DEHYDROGENASE'
2 branched 2-acetamido-2-deoxy-beta-D-glucopyranose-(1-4)-2-acetamido-2-deoxy-beta-D-glucopyranose
3 non-polymer 'FLAVIN-ADENINE DINUCLEOTIDE'
4 non-polymer N-BENZYL-9H-PURIN-6-AMINE
5 non-polymer 2-acetamido-2-deoxy-beta-D-glucopyranose
6 water water
#
_entity_poly.entity_id   1
_entity_poly.type   'polypeptide(L)'
_entity_poly.pdbx_seq_one_letter_code
;MAVVYYLLLAGLIACSHALAAGTPALGDDRGRPWPASLAALALDGKLRTDSNATAAASTDFGNITSALPAAVLYPSSTGD
LVALLSAANSTPGWPYTIAFRGRGHSLMGQAFAPGGVVVNMASLGDAAAPPRINVSADGRYVDAGGEQVWIDVLRASLAR
GVAPRSWTDYLYLTVGGTLSNAGISGQAFRHGPQISNVLEMDVITGHGEMVTCSKQLNADLFDAVLGGLGQFGVITRARI
AVEPAPARARWVRFVYTDFAAFSADQERLTAPRPGGGGASFGPMSYVEGSVFVNQSLATDLANTGFFTDADVARIVALAG
ERNATTVYSIEATLNYDNATAAAAAVDQELASVLGTLSYVEGFAFQRDVAYAAFLDRVHGEEVALNKLGLWRVPHPWLNM
FVPRSRIADFDRGVFKGILQGTDIVGPLIVYPLNKSMWDDGMSAATPSEDVFYAVSLLFSSVAPNDLARLQEQNRRILRF
CDLAGIQYKTYLARHTDRSDWVRHFGAAKWNRFVEMKNKYDPKRLLSPGQDIFN
;
_entity_poly.pdbx_strand_id   A
#
loop_
_chem_comp.id
_chem_comp.type
_chem_comp.name
_chem_comp.formula
EMU non-polymer N-BENZYL-9H-PURIN-6-AMINE 'C12 H11 N5'
FAD non-polymer 'FLAVIN-ADENINE DINUCLEOTIDE' 'C27 H33 N9 O15 P2'
NAG D-saccharide, beta linking 2-acetamido-2-deoxy-beta-D-glucopyranose 'C8 H15 N O6'
#
# COMPACT_ATOMS: atom_id res chain seq x y z
N ALA A 40 3.60 -11.31 34.44
CA ALA A 40 2.38 -10.45 34.49
C ALA A 40 1.53 -10.63 33.24
N LEU A 41 1.87 -9.90 32.18
CA LEU A 41 1.19 -10.03 30.91
C LEU A 41 0.97 -11.51 30.59
N ALA A 42 2.05 -12.29 30.65
CA ALA A 42 1.99 -13.71 30.34
C ALA A 42 0.99 -14.43 31.23
N LEU A 43 1.20 -14.33 32.55
CA LEU A 43 0.29 -14.94 33.51
C LEU A 43 -1.15 -14.62 33.12
N ASP A 44 -1.38 -13.39 32.68
CA ASP A 44 -2.67 -12.97 32.19
C ASP A 44 -2.92 -13.58 30.81
N GLY A 45 -1.96 -14.39 30.36
CA GLY A 45 -2.07 -15.10 29.09
C GLY A 45 -1.92 -14.24 27.85
N LYS A 46 -1.53 -12.97 28.05
CA LYS A 46 -1.39 -12.05 26.94
C LYS A 46 -0.07 -12.24 26.19
N LEU A 47 0.96 -12.72 26.88
CA LEU A 47 2.26 -12.94 26.27
C LEU A 47 2.49 -14.43 26.07
N ARG A 48 2.33 -14.88 24.83
CA ARG A 48 2.41 -16.29 24.52
C ARG A 48 3.76 -16.69 23.92
N THR A 49 4.24 -17.86 24.31
CA THR A 49 5.51 -18.38 23.81
C THR A 49 5.34 -19.75 23.21
N ASP A 50 4.11 -20.23 23.16
CA ASP A 50 3.82 -21.55 22.60
C ASP A 50 4.07 -21.58 21.11
N SER A 51 4.35 -22.77 20.57
CA SER A 51 4.77 -22.95 19.19
C SER A 51 3.78 -22.43 18.16
N ASN A 52 2.48 -22.62 18.40
CA ASN A 52 1.49 -22.18 17.43
C ASN A 52 1.45 -20.66 17.34
N ALA A 53 1.62 -19.98 18.46
CA ALA A 53 1.62 -18.52 18.48
C ALA A 53 2.82 -17.97 17.73
N THR A 54 4.02 -18.40 18.10
CA THR A 54 5.22 -17.91 17.45
C THR A 54 5.25 -18.28 15.97
N ALA A 55 4.75 -19.47 15.66
CA ALA A 55 4.70 -19.94 14.27
C ALA A 55 3.84 -19.02 13.41
N ALA A 56 2.67 -18.68 13.92
CA ALA A 56 1.71 -17.86 13.18
C ALA A 56 2.26 -16.46 12.94
N ALA A 57 3.14 -16.00 13.83
CA ALA A 57 3.73 -14.67 13.73
C ALA A 57 5.09 -14.70 13.04
N SER A 58 5.41 -15.82 12.39
CA SER A 58 6.74 -15.99 11.81
C SER A 58 6.74 -15.94 10.29
N THR A 59 5.55 -15.88 9.68
CA THR A 59 5.41 -15.79 8.24
C THR A 59 4.55 -14.58 7.86
N ASP A 60 4.63 -14.17 6.61
CA ASP A 60 3.80 -13.08 6.13
C ASP A 60 3.27 -13.34 4.72
N PHE A 61 2.54 -12.37 4.18
CA PHE A 61 1.94 -12.50 2.87
C PHE A 61 2.96 -12.80 1.77
N GLY A 62 4.18 -12.29 1.94
CA GLY A 62 5.22 -12.52 0.96
C GLY A 62 5.53 -14.00 0.83
N ASN A 63 5.45 -14.70 1.95
CA ASN A 63 5.64 -16.15 1.96
C ASN A 63 7.00 -16.50 1.37
N ILE A 64 7.98 -15.65 1.62
CA ILE A 64 9.32 -15.86 1.07
C ILE A 64 10.34 -15.95 2.20
N THR A 65 10.19 -15.07 3.18
CA THR A 65 11.08 -15.08 4.34
C THR A 65 10.25 -15.39 5.60
N SER A 66 10.91 -15.96 6.59
CA SER A 66 10.24 -16.30 7.84
C SER A 66 11.18 -16.09 9.01
N ALA A 67 10.63 -15.71 10.15
CA ALA A 67 11.46 -15.51 11.34
C ALA A 67 10.64 -15.71 12.61
N LEU A 68 11.01 -16.73 13.37
CA LEU A 68 10.35 -17.02 14.64
C LEU A 68 10.63 -15.93 15.68
N PRO A 69 9.58 -15.39 16.26
CA PRO A 69 9.73 -14.50 17.41
C PRO A 69 9.93 -15.35 18.66
N ALA A 70 10.42 -14.75 19.73
CA ALA A 70 10.48 -15.44 21.02
C ALA A 70 9.09 -15.50 21.64
N ALA A 71 8.29 -14.46 21.42
CA ALA A 71 6.97 -14.39 22.03
C ALA A 71 6.01 -13.56 21.19
N VAL A 72 4.71 -13.71 21.46
CA VAL A 72 3.69 -12.94 20.77
C VAL A 72 2.75 -12.35 21.80
N LEU A 73 2.66 -11.02 21.80
CA LEU A 73 1.74 -10.34 22.70
C LEU A 73 0.36 -10.25 22.07
N TYR A 74 -0.65 -10.67 22.81
CA TYR A 74 -2.02 -10.52 22.39
C TYR A 74 -2.67 -9.53 23.34
N PRO A 75 -2.50 -8.24 23.07
CA PRO A 75 -2.99 -7.19 23.96
C PRO A 75 -4.51 -7.06 23.89
N SER A 76 -5.17 -6.92 25.04
CA SER A 76 -6.61 -6.73 25.06
C SER A 76 -6.95 -5.24 25.11
N SER A 77 -5.97 -4.42 25.48
CA SER A 77 -6.13 -2.97 25.54
C SER A 77 -4.80 -2.29 25.25
N THR A 78 -4.84 -0.99 24.99
CA THR A 78 -3.60 -0.27 24.72
C THR A 78 -2.71 -0.26 25.95
N GLY A 79 -3.34 -0.41 27.12
CA GLY A 79 -2.61 -0.51 28.38
C GLY A 79 -1.57 -1.60 28.39
N ASP A 80 -1.87 -2.72 27.73
CA ASP A 80 -0.92 -3.83 27.63
C ASP A 80 0.26 -3.46 26.75
N LEU A 81 0.01 -2.64 25.73
CA LEU A 81 1.06 -2.16 24.85
C LEU A 81 1.95 -1.18 25.59
N VAL A 82 1.32 -0.29 26.34
CA VAL A 82 2.07 0.62 27.18
C VAL A 82 2.94 -0.18 28.14
N ALA A 83 2.36 -1.21 28.76
CA ALA A 83 3.09 -2.02 29.73
C ALA A 83 4.31 -2.68 29.08
N LEU A 84 4.13 -3.23 27.89
CA LEU A 84 5.24 -3.85 27.18
C LEU A 84 6.35 -2.85 26.89
N LEU A 85 5.97 -1.73 26.29
CA LEU A 85 6.95 -0.73 25.84
C LEU A 85 7.56 0.01 27.02
N SER A 86 6.79 0.18 28.09
CA SER A 86 7.34 0.80 29.29
C SER A 86 8.36 -0.14 29.93
N ALA A 87 8.05 -1.44 29.95
CA ALA A 87 9.01 -2.43 30.42
C ALA A 87 10.28 -2.40 29.57
N ALA A 88 10.11 -2.39 28.25
CA ALA A 88 11.24 -2.36 27.34
C ALA A 88 12.08 -1.13 27.61
N ASN A 89 11.41 0.00 27.78
CA ASN A 89 12.08 1.27 28.02
C ASN A 89 12.89 1.31 29.30
N SER A 90 12.32 0.81 30.38
CA SER A 90 12.91 0.97 31.71
C SER A 90 13.79 -0.18 32.14
N THR A 91 13.83 -1.25 31.35
CA THR A 91 14.62 -2.43 31.71
C THR A 91 16.00 -2.44 31.04
N PRO A 92 17.06 -2.35 31.83
CA PRO A 92 18.41 -2.50 31.31
C PRO A 92 18.56 -3.92 30.84
N GLY A 93 19.24 -4.14 29.72
CA GLY A 93 19.35 -5.48 29.18
C GLY A 93 18.02 -6.03 28.69
N TRP A 94 17.12 -5.14 28.28
CA TRP A 94 15.88 -5.59 27.66
C TRP A 94 16.23 -6.37 26.39
N PRO A 95 15.78 -7.62 26.32
CA PRO A 95 16.26 -8.54 25.28
C PRO A 95 15.55 -8.44 23.92
N TYR A 96 14.34 -7.88 23.88
CA TYR A 96 13.47 -8.12 22.73
C TYR A 96 13.19 -6.92 21.84
N THR A 97 13.48 -7.08 20.55
CA THR A 97 12.91 -6.17 19.57
C THR A 97 11.41 -6.41 19.59
N ILE A 98 10.64 -5.50 19.01
CA ILE A 98 9.21 -5.57 19.04
C ILE A 98 8.64 -5.15 17.70
N ALA A 99 7.84 -6.03 17.10
CA ALA A 99 7.18 -5.70 15.85
C ALA A 99 5.68 -5.60 16.10
N PHE A 100 4.99 -4.84 15.26
CA PHE A 100 3.55 -4.72 15.39
C PHE A 100 2.88 -5.32 14.16
N ARG A 101 2.46 -6.58 14.29
CA ARG A 101 1.82 -7.26 13.16
C ARG A 101 0.39 -6.76 13.01
N GLY A 102 0.11 -6.15 11.87
CA GLY A 102 -1.23 -5.73 11.52
C GLY A 102 -1.99 -6.96 11.06
N ARG A 103 -1.84 -7.29 9.78
CA ARG A 103 -2.36 -8.56 9.27
C ARG A 103 -1.23 -9.32 8.56
N GLY A 104 0.00 -8.87 8.80
CA GLY A 104 1.16 -9.51 8.22
C GLY A 104 1.15 -9.49 6.69
N HIS A 105 0.66 -8.41 6.11
CA HIS A 105 0.67 -8.31 4.65
C HIS A 105 2.02 -7.91 4.07
N SER A 106 2.98 -7.73 4.96
CA SER A 106 4.35 -7.45 4.57
C SER A 106 4.85 -8.49 3.59
N LEU A 107 5.79 -8.08 2.74
CA LEU A 107 6.30 -8.94 1.67
C LEU A 107 7.59 -9.64 2.06
N MET A 108 8.36 -9.03 2.95
CA MET A 108 9.72 -9.49 3.22
C MET A 108 10.11 -9.40 4.69
N GLY A 109 9.21 -9.82 5.57
CA GLY A 109 9.52 -9.94 6.98
C GLY A 109 9.47 -8.65 7.79
N GLN A 110 8.85 -7.61 7.23
CA GLN A 110 8.80 -6.32 7.92
C GLN A 110 8.04 -6.36 9.24
N ALA A 111 7.16 -7.34 9.39
CA ALA A 111 6.36 -7.46 10.61
C ALA A 111 6.90 -8.53 11.56
N PHE A 112 8.10 -9.02 11.29
CA PHE A 112 8.73 -10.04 12.15
C PHE A 112 9.55 -9.41 13.26
N ALA A 113 9.69 -10.13 14.37
CA ALA A 113 10.61 -9.77 15.43
C ALA A 113 11.42 -11.01 15.74
N PRO A 114 12.49 -11.23 14.98
CA PRO A 114 13.26 -12.48 15.10
C PRO A 114 13.79 -12.57 16.51
N GLY A 115 13.43 -13.64 17.22
CA GLY A 115 13.85 -13.78 18.60
C GLY A 115 13.35 -12.64 19.47
N GLY A 116 12.32 -11.94 18.98
CA GLY A 116 11.76 -10.84 19.74
C GLY A 116 10.30 -11.03 20.11
N VAL A 117 9.58 -9.94 20.28
CA VAL A 117 8.16 -9.98 20.61
C VAL A 117 7.36 -9.40 19.45
N VAL A 118 6.50 -10.22 18.85
CA VAL A 118 5.54 -9.72 17.88
C VAL A 118 4.26 -9.36 18.60
N VAL A 119 3.77 -8.15 18.38
CA VAL A 119 2.48 -7.76 18.91
C VAL A 119 1.40 -8.14 17.90
N ASN A 120 0.50 -9.02 18.33
CA ASN A 120 -0.68 -9.36 17.56
C ASN A 120 -1.71 -8.24 17.72
N MET A 121 -1.56 -7.20 16.92
CA MET A 121 -2.39 -5.99 17.06
C MET A 121 -3.88 -6.29 16.98
N ALA A 122 -4.26 -7.28 16.16
CA ALA A 122 -5.67 -7.61 15.99
C ALA A 122 -6.38 -7.83 17.33
N SER A 123 -5.62 -8.29 18.32
CA SER A 123 -6.17 -8.58 19.65
C SER A 123 -6.84 -7.35 20.26
N LEU A 124 -6.32 -6.17 19.91
CA LEU A 124 -6.88 -4.93 20.42
C LEU A 124 -8.35 -4.77 20.02
N GLY A 125 -8.75 -5.46 18.98
CA GLY A 125 -10.10 -5.33 18.46
C GLY A 125 -10.99 -6.52 18.76
N ASP A 126 -10.57 -7.34 19.72
CA ASP A 126 -11.34 -8.51 20.14
C ASP A 126 -12.57 -8.09 20.94
N ALA A 127 -12.34 -7.29 21.98
CA ALA A 127 -13.44 -6.84 22.85
C ALA A 127 -14.63 -6.36 22.02
N ALA A 128 -15.82 -6.67 22.51
CA ALA A 128 -17.06 -6.20 21.87
C ALA A 128 -17.20 -4.70 22.08
N ALA A 129 -16.73 -4.23 23.24
CA ALA A 129 -16.73 -2.81 23.56
C ALA A 129 -15.51 -2.53 24.42
N PRO A 130 -15.00 -1.30 24.38
CA PRO A 130 -15.57 -0.24 23.54
C PRO A 130 -15.19 -0.38 22.05
N PRO A 131 -15.96 0.29 21.21
CA PRO A 131 -15.74 0.26 19.76
C PRO A 131 -14.33 0.71 19.39
N ARG A 132 -13.80 0.13 18.32
CA ARG A 132 -12.45 0.46 17.87
C ARG A 132 -12.51 1.39 16.66
N ILE A 133 -13.73 1.68 16.21
CA ILE A 133 -13.92 2.65 15.13
C ILE A 133 -15.04 3.62 15.48
N ASN A 134 -14.69 4.89 15.65
CA ASN A 134 -15.68 5.92 15.95
C ASN A 134 -15.71 6.99 14.87
N VAL A 135 -16.80 7.05 14.12
CA VAL A 135 -17.02 8.19 13.25
C VAL A 135 -17.30 9.40 14.14
N SER A 136 -16.66 10.52 13.84
CA SER A 136 -16.83 11.71 14.66
C SER A 136 -18.30 12.13 14.68
N ALA A 137 -18.68 12.85 15.73
CA ALA A 137 -20.06 13.32 15.89
C ALA A 137 -20.51 14.07 14.65
N ASP A 138 -19.59 14.81 14.04
CA ASP A 138 -19.94 15.66 12.91
C ASP A 138 -19.68 14.98 11.56
N GLY A 139 -19.20 13.74 11.59
CA GLY A 139 -18.97 12.97 10.38
C GLY A 139 -17.83 13.50 9.51
N ARG A 140 -16.93 14.27 10.11
CA ARG A 140 -15.80 14.83 9.36
C ARG A 140 -14.54 13.99 9.46
N TYR A 141 -14.55 13.03 10.36
CA TYR A 141 -13.44 12.10 10.47
C TYR A 141 -13.86 10.80 11.13
N VAL A 142 -13.00 9.80 11.05
CA VAL A 142 -13.25 8.54 11.72
C VAL A 142 -12.01 8.12 12.50
N ASP A 143 -12.18 7.96 13.82
CA ASP A 143 -11.13 7.43 14.65
C ASP A 143 -11.11 5.91 14.52
N ALA A 144 -9.96 5.36 14.19
CA ALA A 144 -9.84 3.91 14.05
C ALA A 144 -8.61 3.40 14.79
N GLY A 145 -8.77 2.29 15.49
CA GLY A 145 -7.63 1.64 16.13
C GLY A 145 -6.63 1.25 15.07
N GLY A 146 -5.35 1.32 15.43
CA GLY A 146 -4.28 1.00 14.48
C GLY A 146 -4.40 -0.42 13.96
N GLU A 147 -5.01 -1.29 14.75
CA GLU A 147 -5.15 -2.70 14.39
C GLU A 147 -6.31 -2.94 13.43
N GLN A 148 -7.17 -1.95 13.28
CA GLN A 148 -8.39 -2.13 12.50
C GLN A 148 -8.09 -2.21 11.01
N VAL A 149 -8.81 -3.07 10.29
CA VAL A 149 -8.65 -3.17 8.85
C VAL A 149 -9.55 -2.17 8.14
N TRP A 150 -9.05 -1.68 7.02
CA TRP A 150 -9.75 -0.62 6.29
C TRP A 150 -11.14 -1.02 5.83
N ILE A 151 -11.35 -2.31 5.57
CA ILE A 151 -12.68 -2.76 5.18
C ILE A 151 -13.67 -2.43 6.29
N ASP A 152 -13.24 -2.62 7.54
CA ASP A 152 -14.10 -2.33 8.69
C ASP A 152 -14.25 -0.82 8.88
N VAL A 153 -13.18 -0.07 8.61
CA VAL A 153 -13.27 1.38 8.68
C VAL A 153 -14.29 1.86 7.64
N LEU A 154 -14.28 1.23 6.47
CA LEU A 154 -15.24 1.60 5.42
C LEU A 154 -16.68 1.35 5.88
N ARG A 155 -16.92 0.15 6.38
CA ARG A 155 -18.28 -0.23 6.76
C ARG A 155 -18.81 0.68 7.85
N ALA A 156 -17.99 0.99 8.84
CA ALA A 156 -18.40 1.86 9.93
C ALA A 156 -18.69 3.27 9.43
N SER A 157 -17.85 3.74 8.51
CA SER A 157 -17.99 5.09 7.98
C SER A 157 -19.27 5.20 7.15
N LEU A 158 -19.52 4.18 6.32
CA LEU A 158 -20.69 4.19 5.44
C LEU A 158 -21.99 4.22 6.25
N ALA A 159 -21.99 3.56 7.40
CA ALA A 159 -23.15 3.56 8.28
C ALA A 159 -23.48 4.97 8.72
N ARG A 160 -22.50 5.86 8.63
CA ARG A 160 -22.69 7.26 8.98
C ARG A 160 -22.71 8.15 7.74
N GLY A 161 -22.80 7.52 6.57
CA GLY A 161 -22.93 8.26 5.32
C GLY A 161 -21.63 8.89 4.84
N VAL A 162 -20.50 8.45 5.39
CA VAL A 162 -19.21 9.01 5.01
C VAL A 162 -18.20 7.93 4.69
N ALA A 163 -17.04 8.32 4.20
CA ALA A 163 -15.99 7.37 3.87
C ALA A 163 -14.65 8.06 3.70
N PRO A 164 -13.58 7.38 4.12
CA PRO A 164 -12.22 7.85 3.86
C PRO A 164 -12.09 8.23 2.38
N ARG A 165 -11.21 9.17 2.06
CA ARG A 165 -11.10 9.66 0.69
C ARG A 165 -9.94 9.06 -0.07
N SER A 166 -9.04 8.39 0.66
CA SER A 166 -7.83 7.83 0.07
C SER A 166 -7.67 6.39 0.54
N TRP A 167 -7.50 5.47 -0.40
CA TRP A 167 -7.55 4.04 -0.12
C TRP A 167 -6.29 3.27 -0.51
N THR A 168 -6.32 1.97 -0.20
CA THR A 168 -5.43 1.02 -0.83
C THR A 168 -6.31 0.18 -1.76
N ASP A 169 -5.73 -0.49 -2.75
CA ASP A 169 -6.50 -1.32 -3.68
C ASP A 169 -7.17 -2.47 -2.96
N TYR A 170 -6.58 -2.87 -1.83
CA TYR A 170 -6.97 -4.06 -1.11
C TYR A 170 -7.28 -3.64 0.33
N LEU A 171 -8.46 -3.97 0.83
CA LEU A 171 -8.94 -3.36 2.07
C LEU A 171 -8.65 -4.15 3.35
N TYR A 172 -8.17 -5.39 3.23
CA TYR A 172 -7.84 -6.13 4.44
C TYR A 172 -6.41 -5.86 4.89
N LEU A 173 -6.15 -4.58 5.15
CA LEU A 173 -4.88 -4.13 5.69
C LEU A 173 -5.24 -3.27 6.88
N THR A 174 -4.33 -3.14 7.84
CA THR A 174 -4.64 -2.34 9.02
C THR A 174 -4.35 -0.87 8.79
N VAL A 175 -5.03 -0.05 9.58
CA VAL A 175 -4.81 1.38 9.57
C VAL A 175 -3.36 1.69 9.90
N GLY A 176 -2.88 1.13 11.01
CA GLY A 176 -1.50 1.36 11.42
C GLY A 176 -0.52 0.88 10.37
N GLY A 177 -0.84 -0.25 9.73
CA GLY A 177 0.05 -0.84 8.76
C GLY A 177 0.25 0.01 7.50
N THR A 178 -0.85 0.49 6.92
CA THR A 178 -0.73 1.31 5.72
C THR A 178 -0.16 2.67 6.03
N LEU A 179 -0.52 3.22 7.18
CA LEU A 179 -0.03 4.53 7.58
C LEU A 179 1.48 4.49 7.85
N SER A 180 1.98 3.31 8.18
CA SER A 180 3.41 3.14 8.44
C SER A 180 4.19 3.08 7.13
N ASN A 181 3.46 3.01 6.02
CA ASN A 181 4.07 2.90 4.71
C ASN A 181 3.73 4.11 3.86
N ALA A 182 2.47 4.19 3.44
CA ALA A 182 1.94 5.42 2.87
C ALA A 182 0.45 5.21 2.63
N GLY A 183 0.12 4.10 1.97
CA GLY A 183 -1.26 3.78 1.64
C GLY A 183 -1.62 4.47 0.34
N ILE A 184 -1.50 3.74 -0.77
CA ILE A 184 -1.75 4.33 -2.07
C ILE A 184 -2.76 3.54 -2.87
N SER A 185 -3.59 4.28 -3.60
CA SER A 185 -4.48 3.70 -4.57
C SER A 185 -4.79 4.78 -5.58
N GLY A 186 -5.83 4.57 -6.37
CA GLY A 186 -6.17 5.48 -7.45
C GLY A 186 -6.65 6.86 -7.04
N GLN A 187 -6.92 7.07 -5.74
CA GLN A 187 -7.35 8.38 -5.26
C GLN A 187 -6.17 9.24 -4.85
N ALA A 188 -5.00 8.64 -4.68
CA ALA A 188 -3.86 9.34 -4.11
C ALA A 188 -3.42 10.54 -4.92
N PHE A 189 -3.68 10.51 -6.22
CA PHE A 189 -3.25 11.61 -7.08
C PHE A 189 -3.93 12.91 -6.70
N ARG A 190 -5.17 12.82 -6.22
CA ARG A 190 -5.91 14.03 -5.86
C ARG A 190 -6.07 14.24 -4.35
N HIS A 191 -5.91 13.18 -3.57
CA HIS A 191 -6.10 13.30 -2.12
C HIS A 191 -4.84 13.03 -1.33
N GLY A 192 -3.78 12.66 -2.03
CA GLY A 192 -2.56 12.21 -1.39
C GLY A 192 -2.73 10.78 -0.91
N PRO A 193 -1.66 10.17 -0.46
CA PRO A 193 -1.72 8.81 0.10
C PRO A 193 -2.48 8.87 1.41
N GLN A 194 -2.69 7.73 2.04
CA GLN A 194 -3.44 7.72 3.29
C GLN A 194 -2.74 8.53 4.38
N ILE A 195 -1.42 8.56 4.36
CA ILE A 195 -0.68 9.36 5.34
C ILE A 195 -0.93 10.85 5.17
N SER A 196 -1.45 11.27 4.02
CA SER A 196 -1.80 12.67 3.82
C SER A 196 -3.24 12.96 4.26
N ASN A 197 -3.90 11.93 4.79
CA ASN A 197 -5.30 12.05 5.19
C ASN A 197 -5.53 11.62 6.63
N VAL A 198 -4.59 12.03 7.50
CA VAL A 198 -4.63 11.71 8.91
C VAL A 198 -4.58 13.01 9.70
N LEU A 199 -5.54 13.21 10.60
CA LEU A 199 -5.59 14.44 11.40
C LEU A 199 -4.68 14.34 12.62
N GLU A 200 -4.64 13.17 13.22
CA GLU A 200 -3.84 12.96 14.42
C GLU A 200 -3.80 11.47 14.72
N MET A 201 -2.95 11.09 15.67
CA MET A 201 -2.78 9.69 16.02
C MET A 201 -2.47 9.60 17.50
N ASP A 202 -2.78 8.45 18.09
CA ASP A 202 -2.17 8.10 19.37
C ASP A 202 -1.04 7.13 19.06
N VAL A 203 0.13 7.41 19.60
CA VAL A 203 1.28 6.55 19.39
C VAL A 203 1.93 6.24 20.72
N ILE A 204 2.23 4.96 20.96
CA ILE A 204 3.09 4.60 22.07
C ILE A 204 4.50 4.44 21.54
N THR A 205 5.40 5.31 22.02
CA THR A 205 6.76 5.30 21.51
C THR A 205 7.61 4.17 22.09
N GLY A 206 8.87 4.14 21.67
CA GLY A 206 9.82 3.17 22.19
C GLY A 206 10.10 3.46 23.65
N HIS A 207 9.74 4.65 24.10
CA HIS A 207 9.91 4.99 25.52
C HIS A 207 8.78 4.46 26.37
N GLY A 208 7.76 3.91 25.72
CA GLY A 208 6.63 3.35 26.45
C GLY A 208 5.66 4.44 26.85
N GLU A 209 5.80 5.60 26.22
CA GLU A 209 4.95 6.74 26.50
C GLU A 209 3.86 6.87 25.44
N MET A 210 2.60 6.91 25.88
CA MET A 210 1.48 7.13 24.99
C MET A 210 1.40 8.61 24.63
N VAL A 211 1.57 8.92 23.35
CA VAL A 211 1.58 10.30 22.89
C VAL A 211 0.53 10.53 21.82
N THR A 212 -0.25 11.60 21.97
CA THR A 212 -1.17 12.03 20.93
C THR A 212 -0.42 13.05 20.08
N CYS A 213 -0.44 12.87 18.76
CA CYS A 213 0.37 13.72 17.91
C CYS A 213 -0.39 14.15 16.66
N SER A 214 0.04 15.27 16.10
CA SER A 214 -0.60 15.87 14.94
C SER A 214 0.28 17.02 14.49
N LYS A 215 -0.17 17.74 13.47
CA LYS A 215 0.57 18.90 13.00
C LYS A 215 0.68 20.00 14.07
N GLN A 216 -0.20 19.94 15.06
CA GLN A 216 -0.24 20.99 16.08
C GLN A 216 0.42 20.58 17.39
N LEU A 217 0.66 19.28 17.54
CA LEU A 217 1.15 18.73 18.80
C LEU A 217 2.07 17.54 18.55
N ASN A 218 3.31 17.64 19.03
CA ASN A 218 4.28 16.58 18.79
C ASN A 218 4.32 16.28 17.30
N ALA A 219 4.43 17.34 16.50
CA ALA A 219 4.45 17.20 15.05
C ALA A 219 5.63 16.36 14.58
N ASP A 220 6.73 16.39 15.32
CA ASP A 220 7.92 15.62 14.94
C ASP A 220 7.61 14.11 14.93
N LEU A 221 6.88 13.65 15.95
CA LEU A 221 6.45 12.26 16.01
C LEU A 221 5.43 11.96 14.93
N PHE A 222 4.45 12.84 14.80
CA PHE A 222 3.40 12.70 13.79
C PHE A 222 4.04 12.48 12.42
N ASP A 223 4.96 13.37 12.05
CA ASP A 223 5.63 13.31 10.76
C ASP A 223 6.48 12.04 10.62
N ALA A 224 7.16 11.67 11.70
CA ALA A 224 8.06 10.52 11.66
C ALA A 224 7.29 9.21 11.47
N VAL A 225 6.20 9.08 12.23
CA VAL A 225 5.43 7.84 12.22
C VAL A 225 4.75 7.57 10.89
N LEU A 226 4.28 8.63 10.23
CA LEU A 226 3.59 8.49 8.95
C LEU A 226 4.60 8.14 7.86
N GLY A 227 4.48 6.93 7.33
CA GLY A 227 5.48 6.40 6.42
C GLY A 227 6.73 5.98 7.17
N GLY A 228 6.62 5.89 8.50
CA GLY A 228 7.78 5.66 9.35
C GLY A 228 8.18 4.21 9.56
N LEU A 229 7.48 3.30 8.90
CA LEU A 229 7.88 1.90 8.90
C LEU A 229 7.94 1.28 10.30
N GLY A 230 7.07 1.75 11.19
CA GLY A 230 6.92 1.14 12.50
C GLY A 230 8.11 1.36 13.40
N GLN A 231 8.96 2.32 13.04
CA GLN A 231 10.26 2.51 13.70
C GLN A 231 10.22 3.32 14.99
N PHE A 232 9.16 4.11 15.19
CA PHE A 232 9.18 5.12 16.25
C PHE A 232 8.16 4.91 17.37
N GLY A 233 7.22 4.00 17.14
CA GLY A 233 6.13 3.80 18.07
C GLY A 233 5.00 3.08 17.38
N VAL A 234 4.07 2.54 18.18
CA VAL A 234 2.93 1.83 17.62
C VAL A 234 1.75 2.77 17.55
N ILE A 235 1.10 2.83 16.39
CA ILE A 235 -0.11 3.62 16.23
C ILE A 235 -1.27 2.84 16.81
N THR A 236 -1.87 3.36 17.88
CA THR A 236 -3.00 2.67 18.49
C THR A 236 -4.31 3.29 18.01
N ARG A 237 -4.24 4.54 17.57
CA ARG A 237 -5.42 5.22 17.03
C ARG A 237 -4.98 6.18 15.94
N ALA A 238 -5.67 6.15 14.80
CA ALA A 238 -5.44 7.16 13.79
C ALA A 238 -6.75 7.87 13.49
N ARG A 239 -6.67 9.19 13.37
CA ARG A 239 -7.82 9.99 13.01
C ARG A 239 -7.81 10.24 11.51
N ILE A 240 -8.78 9.64 10.83
CA ILE A 240 -8.79 9.61 9.37
C ILE A 240 -9.83 10.56 8.79
N ALA A 241 -9.40 11.40 7.86
CA ALA A 241 -10.32 12.30 7.19
C ALA A 241 -11.33 11.49 6.40
N VAL A 242 -12.57 11.98 6.36
CA VAL A 242 -13.59 11.36 5.53
C VAL A 242 -14.31 12.42 4.71
N GLU A 243 -15.03 11.98 3.68
CA GLU A 243 -15.86 12.86 2.87
C GLU A 243 -17.25 12.25 2.82
N PRO A 244 -18.25 13.03 2.42
CA PRO A 244 -19.59 12.47 2.20
C PRO A 244 -19.45 11.27 1.27
N ALA A 245 -20.05 10.14 1.63
CA ALA A 245 -19.84 8.92 0.86
C ALA A 245 -20.64 8.94 -0.44
N PRO A 246 -19.96 8.74 -1.56
CA PRO A 246 -20.65 8.59 -2.85
C PRO A 246 -21.38 7.26 -2.83
N ALA A 247 -22.49 7.17 -3.54
CA ALA A 247 -23.27 5.94 -3.55
C ALA A 247 -22.71 4.98 -4.57
N ARG A 248 -22.21 5.51 -5.67
CA ARG A 248 -21.86 4.66 -6.79
C ARG A 248 -20.61 5.13 -7.50
N ALA A 249 -20.05 4.25 -8.31
CA ALA A 249 -18.90 4.60 -9.13
C ALA A 249 -19.12 4.13 -10.56
N ARG A 250 -19.02 5.07 -11.50
CA ARG A 250 -18.89 4.69 -12.89
C ARG A 250 -17.43 4.29 -13.06
N TRP A 251 -17.23 3.10 -13.61
CA TRP A 251 -15.95 2.41 -13.54
C TRP A 251 -15.53 2.01 -14.94
N VAL A 252 -14.49 2.65 -15.46
CA VAL A 252 -14.09 2.42 -16.84
C VAL A 252 -12.66 1.88 -16.98
N ARG A 253 -12.46 1.08 -18.02
CA ARG A 253 -11.12 0.68 -18.45
C ARG A 253 -10.93 1.14 -19.89
N PHE A 254 -9.81 1.81 -20.14
CA PHE A 254 -9.48 2.32 -21.46
C PHE A 254 -8.24 1.62 -21.99
N VAL A 255 -8.28 1.19 -23.24
CA VAL A 255 -7.19 0.38 -23.77
C VAL A 255 -6.31 1.10 -24.78
N TYR A 256 -5.00 0.89 -24.64
CA TYR A 256 -3.99 1.48 -25.49
C TYR A 256 -2.99 0.41 -25.92
N THR A 257 -2.34 0.62 -27.05
CA THR A 257 -1.15 -0.15 -27.39
C THR A 257 0.04 0.80 -27.38
N ASP A 258 -0.23 2.09 -27.24
CA ASP A 258 0.80 3.11 -27.27
C ASP A 258 1.08 3.64 -25.86
N PHE A 259 2.26 3.34 -25.33
CA PHE A 259 2.56 3.73 -23.96
C PHE A 259 2.56 5.23 -23.77
N ALA A 260 3.07 5.95 -24.77
CA ALA A 260 3.11 7.41 -24.70
C ALA A 260 1.70 7.98 -24.54
N ALA A 261 0.75 7.45 -25.31
CA ALA A 261 -0.64 7.91 -25.24
C ALA A 261 -1.25 7.52 -23.91
N PHE A 262 -0.97 6.30 -23.48
CA PHE A 262 -1.45 5.76 -22.22
C PHE A 262 -0.99 6.62 -21.05
N SER A 263 0.32 6.85 -20.97
CA SER A 263 0.88 7.63 -19.89
C SER A 263 0.46 9.10 -19.98
N ALA A 264 0.43 9.64 -21.19
CA ALA A 264 -0.01 11.02 -21.37
C ALA A 264 -1.46 11.20 -20.89
N ASP A 265 -2.32 10.25 -21.23
CA ASP A 265 -3.72 10.30 -20.79
C ASP A 265 -3.85 10.17 -19.27
N GLN A 266 -3.03 9.32 -18.67
CA GLN A 266 -3.06 9.19 -17.21
C GLN A 266 -2.65 10.50 -16.56
N GLU A 267 -1.62 11.13 -17.11
CA GLU A 267 -1.14 12.39 -16.57
C GLU A 267 -2.17 13.50 -16.78
N ARG A 268 -2.86 13.42 -17.92
CA ARG A 268 -3.98 14.31 -18.23
C ARG A 268 -5.08 14.20 -17.18
N LEU A 269 -5.52 12.97 -16.92
CA LEU A 269 -6.61 12.71 -15.99
C LEU A 269 -6.27 13.12 -14.55
N THR A 270 -5.00 13.08 -14.19
CA THR A 270 -4.61 13.33 -12.81
C THR A 270 -3.93 14.68 -12.64
N ALA A 271 -3.91 15.48 -13.70
CA ALA A 271 -3.29 16.80 -13.64
C ALA A 271 -4.12 17.76 -12.80
N PRO A 272 -3.45 18.63 -12.05
CA PRO A 272 -4.13 19.70 -11.31
C PRO A 272 -4.90 20.62 -12.26
N ARG A 273 -6.05 21.13 -11.82
CA ARG A 273 -6.85 22.03 -12.64
C ARG A 273 -6.17 23.39 -12.80
N SER A 280 -7.03 21.51 -6.70
CA SER A 280 -8.16 21.19 -7.59
C SER A 280 -7.76 20.20 -8.68
N PHE A 281 -8.62 19.21 -8.92
CA PHE A 281 -8.30 18.19 -9.91
C PHE A 281 -9.46 17.93 -10.86
N GLY A 282 -9.18 17.20 -11.94
CA GLY A 282 -10.20 16.86 -12.92
C GLY A 282 -11.33 16.14 -12.23
N PRO A 283 -12.27 15.60 -13.01
CA PRO A 283 -13.46 14.95 -12.48
C PRO A 283 -13.22 13.53 -11.95
N MET A 284 -12.24 12.81 -12.50
CA MET A 284 -12.07 11.41 -12.12
C MET A 284 -11.74 11.25 -10.63
N SER A 285 -12.36 10.26 -10.01
CA SER A 285 -12.20 10.03 -8.58
C SER A 285 -11.04 9.10 -8.28
N TYR A 286 -10.63 8.35 -9.30
CA TYR A 286 -9.67 7.27 -9.14
C TYR A 286 -9.04 7.04 -10.50
N VAL A 287 -7.72 6.98 -10.53
CA VAL A 287 -7.01 6.68 -11.75
C VAL A 287 -5.85 5.72 -11.48
N GLU A 288 -5.94 4.53 -12.05
CA GLU A 288 -4.80 3.63 -12.08
C GLU A 288 -4.59 3.16 -13.51
N GLY A 289 -3.75 2.15 -13.68
CA GLY A 289 -3.49 1.58 -14.98
C GLY A 289 -2.79 0.24 -14.82
N SER A 290 -2.84 -0.58 -15.87
CA SER A 290 -2.16 -1.85 -15.85
C SER A 290 -1.45 -2.13 -17.17
N VAL A 291 -0.46 -3.00 -17.12
CA VAL A 291 0.26 -3.40 -18.30
C VAL A 291 0.07 -4.89 -18.53
N PHE A 292 -0.09 -5.27 -19.78
CA PHE A 292 -0.28 -6.66 -20.14
C PHE A 292 0.74 -7.02 -21.20
N VAL A 293 1.64 -7.92 -20.85
CA VAL A 293 2.65 -8.36 -21.81
C VAL A 293 2.02 -9.38 -22.74
N ASN A 294 2.45 -9.37 -23.99
CA ASN A 294 1.83 -10.16 -25.03
C ASN A 294 1.70 -11.64 -24.70
N GLN A 295 2.77 -12.23 -24.19
CA GLN A 295 2.78 -13.68 -23.94
C GLN A 295 1.63 -14.18 -23.06
N SER A 296 1.22 -13.37 -22.09
CA SER A 296 0.11 -13.79 -21.22
C SER A 296 -1.08 -12.83 -21.33
N LEU A 297 -1.21 -12.21 -22.50
CA LEU A 297 -2.21 -11.16 -22.72
C LEU A 297 -3.63 -11.55 -22.34
N ALA A 298 -4.14 -12.60 -22.97
CA ALA A 298 -5.51 -13.04 -22.72
C ALA A 298 -5.71 -13.40 -21.25
N THR A 299 -4.79 -14.21 -20.73
CA THR A 299 -4.87 -14.66 -19.35
C THR A 299 -4.94 -13.49 -18.38
N ASP A 300 -3.99 -12.56 -18.52
CA ASP A 300 -3.90 -11.42 -17.63
C ASP A 300 -5.11 -10.49 -17.78
N LEU A 301 -5.60 -10.33 -19.01
CA LEU A 301 -6.79 -9.53 -19.26
C LEU A 301 -8.00 -10.12 -18.54
N ALA A 302 -8.15 -11.44 -18.65
CA ALA A 302 -9.25 -12.13 -18.00
C ALA A 302 -9.10 -12.07 -16.49
N ASN A 303 -7.86 -11.98 -16.04
CA ASN A 303 -7.55 -11.98 -14.60
C ASN A 303 -7.91 -10.67 -13.91
N THR A 304 -8.11 -9.62 -14.69
CA THR A 304 -8.51 -8.33 -14.12
C THR A 304 -9.84 -8.46 -13.41
N GLY A 305 -10.68 -9.37 -13.89
CA GLY A 305 -12.02 -9.52 -13.37
C GLY A 305 -12.95 -8.46 -13.90
N PHE A 306 -12.47 -7.68 -14.86
CA PHE A 306 -13.23 -6.57 -15.41
C PHE A 306 -13.79 -6.89 -16.79
N PHE A 307 -12.95 -7.48 -17.64
CA PHE A 307 -13.32 -7.76 -19.01
C PHE A 307 -14.06 -9.08 -19.16
N THR A 308 -15.14 -9.08 -19.94
CA THR A 308 -15.76 -10.33 -20.33
C THR A 308 -14.82 -11.09 -21.25
N ASP A 309 -15.10 -12.37 -21.48
CA ASP A 309 -14.30 -13.15 -22.40
C ASP A 309 -14.34 -12.54 -23.79
N ALA A 310 -15.45 -11.88 -24.11
CA ALA A 310 -15.58 -11.20 -25.40
C ALA A 310 -14.72 -9.95 -25.44
N ASP A 311 -14.72 -9.19 -24.35
CA ASP A 311 -13.84 -8.03 -24.23
C ASP A 311 -12.39 -8.45 -24.46
N VAL A 312 -11.99 -9.54 -23.80
CA VAL A 312 -10.64 -10.05 -23.91
C VAL A 312 -10.29 -10.38 -25.35
N ALA A 313 -11.16 -11.15 -26.00
CA ALA A 313 -10.97 -11.50 -27.41
C ALA A 313 -10.77 -10.24 -28.25
N ARG A 314 -11.62 -9.25 -28.03
CA ARG A 314 -11.52 -7.99 -28.77
C ARG A 314 -10.15 -7.35 -28.60
N ILE A 315 -9.66 -7.34 -27.36
CA ILE A 315 -8.40 -6.69 -27.06
C ILE A 315 -7.23 -7.47 -27.65
N VAL A 316 -7.26 -8.79 -27.52
CA VAL A 316 -6.23 -9.63 -28.10
C VAL A 316 -6.16 -9.42 -29.61
N ALA A 317 -7.32 -9.33 -30.25
CA ALA A 317 -7.38 -9.09 -31.69
C ALA A 317 -6.75 -7.74 -32.02
N LEU A 318 -7.13 -6.71 -31.27
CA LEU A 318 -6.54 -5.39 -31.45
C LEU A 318 -5.02 -5.47 -31.37
N ALA A 319 -4.52 -6.09 -30.31
CA ALA A 319 -3.08 -6.25 -30.13
C ALA A 319 -2.47 -7.01 -31.30
N GLY A 320 -3.18 -8.04 -31.75
CA GLY A 320 -2.74 -8.84 -32.87
C GLY A 320 -2.66 -8.03 -34.16
N GLU A 321 -3.71 -7.27 -34.44
CA GLU A 321 -3.73 -6.47 -35.67
C GLU A 321 -2.62 -5.42 -35.65
N ARG A 322 -2.12 -5.08 -34.46
CA ARG A 322 -1.09 -4.07 -34.35
C ARG A 322 0.29 -4.66 -34.03
N ASN A 323 0.37 -5.98 -33.94
CA ASN A 323 1.62 -6.61 -33.51
C ASN A 323 2.16 -5.93 -32.27
N ALA A 324 1.29 -5.71 -31.29
CA ALA A 324 1.68 -5.06 -30.05
C ALA A 324 2.26 -6.08 -29.06
N THR A 325 3.44 -5.79 -28.53
CA THR A 325 4.05 -6.69 -27.55
C THR A 325 3.48 -6.42 -26.16
N THR A 326 2.88 -5.25 -25.99
CA THR A 326 2.31 -4.86 -24.71
C THR A 326 1.02 -4.06 -24.91
N VAL A 327 0.05 -4.30 -24.05
CA VAL A 327 -1.21 -3.57 -24.06
C VAL A 327 -1.33 -2.85 -22.73
N TYR A 328 -1.87 -1.64 -22.77
CA TYR A 328 -2.04 -0.85 -21.56
C TYR A 328 -3.50 -0.54 -21.35
N SER A 329 -3.88 -0.40 -20.09
CA SER A 329 -5.25 -0.05 -19.78
C SER A 329 -5.28 0.95 -18.64
N ILE A 330 -5.95 2.07 -18.87
CA ILE A 330 -6.24 2.99 -17.80
C ILE A 330 -7.45 2.45 -17.07
N GLU A 331 -7.42 2.55 -15.75
CA GLU A 331 -8.59 2.22 -14.95
C GLU A 331 -8.98 3.47 -14.20
N ALA A 332 -10.22 3.91 -14.38
CA ALA A 332 -10.66 5.16 -13.78
C ALA A 332 -12.10 5.04 -13.31
N THR A 333 -12.46 5.79 -12.27
CA THR A 333 -13.84 5.89 -11.87
C THR A 333 -14.29 7.33 -11.71
N LEU A 334 -15.61 7.48 -11.73
CA LEU A 334 -16.24 8.74 -11.39
C LEU A 334 -17.29 8.38 -10.36
N ASN A 335 -17.07 8.81 -9.12
CA ASN A 335 -18.02 8.57 -8.06
C ASN A 335 -19.19 9.54 -8.22
N TYR A 336 -20.39 9.08 -7.87
CA TYR A 336 -21.55 9.95 -7.92
C TYR A 336 -22.63 9.49 -6.94
N ALA A 344 -27.46 10.00 -16.26
CA ALA A 344 -27.50 10.85 -17.43
C ALA A 344 -26.49 11.99 -17.31
N ALA A 345 -26.39 12.56 -16.11
CA ALA A 345 -25.41 13.60 -15.83
C ALA A 345 -24.03 12.97 -15.81
N VAL A 346 -23.95 11.78 -15.22
CA VAL A 346 -22.72 11.00 -15.20
C VAL A 346 -22.31 10.70 -16.64
N ASP A 347 -23.28 10.31 -17.46
CA ASP A 347 -23.03 10.00 -18.86
C ASP A 347 -22.29 11.13 -19.58
N GLN A 348 -22.80 12.34 -19.46
CA GLN A 348 -22.20 13.47 -20.17
C GLN A 348 -20.88 13.89 -19.55
N GLU A 349 -20.79 13.84 -18.23
CA GLU A 349 -19.54 14.15 -17.55
C GLU A 349 -18.48 13.16 -18.03
N LEU A 350 -18.82 11.88 -18.03
CA LEU A 350 -17.89 10.85 -18.49
C LEU A 350 -17.50 11.09 -19.95
N ALA A 351 -18.50 11.35 -20.78
CA ALA A 351 -18.25 11.58 -22.20
C ALA A 351 -17.28 12.75 -22.38
N SER A 352 -17.49 13.82 -21.63
CA SER A 352 -16.63 14.99 -21.73
C SER A 352 -15.19 14.67 -21.37
N VAL A 353 -14.98 13.96 -20.28
CA VAL A 353 -13.62 13.57 -19.89
C VAL A 353 -12.99 12.65 -20.92
N LEU A 354 -13.72 11.61 -21.31
CA LEU A 354 -13.20 10.62 -22.25
C LEU A 354 -12.83 11.27 -23.58
N GLY A 355 -13.56 12.33 -23.93
CA GLY A 355 -13.30 13.06 -25.15
C GLY A 355 -11.95 13.76 -25.18
N THR A 356 -11.31 13.93 -24.03
CA THR A 356 -9.99 14.56 -23.99
C THR A 356 -8.87 13.54 -24.17
N LEU A 357 -9.24 12.27 -24.21
CA LEU A 357 -8.25 11.19 -24.20
C LEU A 357 -8.03 10.57 -25.58
N SER A 358 -7.04 9.68 -25.67
CA SER A 358 -6.62 9.11 -26.93
C SER A 358 -6.48 7.60 -26.87
N TYR A 359 -7.32 6.95 -26.08
CA TYR A 359 -7.36 5.50 -26.07
C TYR A 359 -7.90 5.02 -27.42
N VAL A 360 -7.75 3.74 -27.72
CA VAL A 360 -8.23 3.21 -28.99
C VAL A 360 -9.75 3.26 -29.05
N GLU A 361 -10.29 3.98 -30.03
CA GLU A 361 -11.75 4.10 -30.15
C GLU A 361 -12.38 2.72 -30.19
N GLY A 362 -13.50 2.57 -29.48
CA GLY A 362 -14.17 1.29 -29.38
C GLY A 362 -13.65 0.52 -28.18
N PHE A 363 -12.61 1.05 -27.53
CA PHE A 363 -11.97 0.35 -26.43
C PHE A 363 -12.06 1.05 -25.08
N ALA A 364 -13.23 1.64 -24.83
CA ALA A 364 -13.60 2.10 -23.50
C ALA A 364 -14.62 1.11 -22.98
N PHE A 365 -14.31 0.50 -21.85
CA PHE A 365 -15.21 -0.48 -21.25
C PHE A 365 -15.73 0.09 -19.93
N GLN A 366 -17.01 -0.13 -19.68
CA GLN A 366 -17.70 0.54 -18.61
C GLN A 366 -18.43 -0.43 -17.69
N ARG A 367 -18.27 -0.23 -16.39
CA ARG A 367 -19.07 -0.90 -15.39
C ARG A 367 -19.70 0.20 -14.53
N ASP A 368 -20.79 -0.13 -13.84
CA ASP A 368 -21.40 0.79 -12.90
C ASP A 368 -21.75 0.01 -11.64
N VAL A 369 -21.11 0.35 -10.53
CA VAL A 369 -21.24 -0.44 -9.31
C VAL A 369 -21.47 0.44 -8.10
N ALA A 370 -21.91 -0.17 -7.01
CA ALA A 370 -21.98 0.54 -5.73
C ALA A 370 -20.56 0.88 -5.31
N TYR A 371 -20.39 2.05 -4.70
CA TYR A 371 -19.08 2.52 -4.28
C TYR A 371 -18.33 1.49 -3.42
N ALA A 372 -19.00 0.93 -2.43
CA ALA A 372 -18.39 -0.08 -1.57
C ALA A 372 -17.93 -1.29 -2.37
N ALA A 373 -18.74 -1.69 -3.36
CA ALA A 373 -18.38 -2.83 -4.19
C ALA A 373 -17.08 -2.56 -4.95
N PHE A 374 -16.94 -1.36 -5.50
CA PHE A 374 -15.71 -1.00 -6.17
C PHE A 374 -14.52 -1.03 -5.20
N LEU A 375 -14.70 -0.45 -4.04
CA LEU A 375 -13.60 -0.34 -3.09
C LEU A 375 -13.08 -1.71 -2.66
N ASP A 376 -13.99 -2.66 -2.54
CA ASP A 376 -13.65 -3.99 -2.04
C ASP A 376 -13.46 -4.98 -3.18
N ARG A 377 -13.29 -4.45 -4.39
CA ARG A 377 -13.22 -5.31 -5.57
C ARG A 377 -12.22 -6.45 -5.45
N VAL A 378 -11.09 -6.19 -4.78
CA VAL A 378 -10.03 -7.19 -4.74
C VAL A 378 -10.36 -8.38 -3.84
N HIS A 379 -11.20 -8.17 -2.84
CA HIS A 379 -11.58 -9.26 -1.95
C HIS A 379 -12.13 -10.44 -2.74
N GLY A 380 -12.98 -10.16 -3.73
CA GLY A 380 -13.52 -11.19 -4.57
C GLY A 380 -12.43 -11.97 -5.29
N GLU A 381 -11.40 -11.25 -5.74
CA GLU A 381 -10.26 -11.89 -6.39
C GLU A 381 -9.56 -12.85 -5.42
N GLU A 382 -9.35 -12.40 -4.18
CA GLU A 382 -8.71 -13.22 -3.18
C GLU A 382 -9.52 -14.49 -2.92
N VAL A 383 -10.81 -14.31 -2.66
CA VAL A 383 -11.69 -15.44 -2.38
C VAL A 383 -11.59 -16.46 -3.52
N ALA A 384 -11.60 -15.96 -4.76
CA ALA A 384 -11.55 -16.83 -5.93
C ALA A 384 -10.19 -17.51 -6.05
N LEU A 385 -9.12 -16.71 -6.05
CA LEU A 385 -7.78 -17.25 -6.18
C LEU A 385 -7.47 -18.27 -5.08
N ASN A 386 -7.90 -17.99 -3.87
CA ASN A 386 -7.66 -18.90 -2.74
C ASN A 386 -8.25 -20.28 -2.99
N LYS A 387 -9.41 -20.31 -3.65
CA LYS A 387 -10.10 -21.56 -3.95
C LYS A 387 -9.32 -22.37 -4.98
N LEU A 388 -8.45 -21.70 -5.71
CA LEU A 388 -7.59 -22.37 -6.68
C LEU A 388 -6.19 -22.60 -6.11
N GLY A 389 -6.02 -22.23 -4.83
CA GLY A 389 -4.72 -22.36 -4.19
C GLY A 389 -3.67 -21.44 -4.78
N LEU A 390 -4.12 -20.30 -5.30
CA LEU A 390 -3.22 -19.37 -5.97
C LEU A 390 -3.07 -18.04 -5.23
N TRP A 391 -3.66 -17.94 -4.04
CA TRP A 391 -3.50 -16.76 -3.22
C TRP A 391 -2.30 -16.94 -2.27
N ARG A 392 -2.34 -18.03 -1.50
CA ARG A 392 -1.29 -18.32 -0.53
C ARG A 392 -0.05 -18.91 -1.19
N VAL A 393 0.60 -18.09 -2.01
CA VAL A 393 1.83 -18.48 -2.69
C VAL A 393 2.86 -17.39 -2.49
N PRO A 394 4.11 -17.65 -2.84
CA PRO A 394 5.16 -16.64 -2.70
C PRO A 394 4.83 -15.43 -3.57
N HIS A 395 5.03 -14.23 -3.02
CA HIS A 395 4.72 -13.00 -3.71
C HIS A 395 5.95 -12.12 -3.82
N PRO A 396 6.79 -12.39 -4.81
CA PRO A 396 7.97 -11.58 -5.08
C PRO A 396 7.58 -10.30 -5.79
N TRP A 397 6.79 -9.49 -5.09
CA TRP A 397 6.29 -8.24 -5.64
C TRP A 397 7.41 -7.21 -5.76
N LEU A 398 7.38 -6.45 -6.86
CA LEU A 398 8.30 -5.32 -6.99
C LEU A 398 7.48 -4.04 -7.02
N ASN A 399 7.69 -3.19 -6.03
CA ASN A 399 6.95 -1.93 -5.96
C ASN A 399 7.89 -0.76 -5.89
N MET A 400 7.68 0.22 -6.75
CA MET A 400 8.51 1.41 -6.72
C MET A 400 7.79 2.63 -7.27
N PHE A 401 8.38 3.78 -6.99
CA PHE A 401 7.90 5.04 -7.52
C PHE A 401 8.92 5.47 -8.54
N VAL A 402 8.47 5.65 -9.78
CA VAL A 402 9.38 5.99 -10.87
C VAL A 402 9.09 7.40 -11.36
N PRO A 403 10.11 8.25 -11.35
CA PRO A 403 9.94 9.63 -11.80
C PRO A 403 9.33 9.68 -13.19
N ARG A 404 8.40 10.61 -13.39
CA ARG A 404 7.74 10.77 -14.69
C ARG A 404 8.75 10.84 -15.84
N SER A 405 9.82 11.59 -15.65
CA SER A 405 10.79 11.83 -16.73
C SER A 405 11.41 10.54 -17.27
N ARG A 406 11.34 9.47 -16.50
CA ARG A 406 11.94 8.20 -16.89
C ARG A 406 10.95 7.06 -17.06
N ILE A 407 9.65 7.33 -16.97
CA ILE A 407 8.67 6.25 -17.05
C ILE A 407 8.63 5.58 -18.43
N ALA A 408 8.83 6.36 -19.49
CA ALA A 408 8.91 5.78 -20.83
C ALA A 408 10.13 4.88 -20.96
N ASP A 409 11.25 5.28 -20.36
CA ASP A 409 12.44 4.43 -20.36
C ASP A 409 12.14 3.14 -19.59
N PHE A 410 11.49 3.29 -18.44
CA PHE A 410 11.11 2.11 -17.66
C PHE A 410 10.26 1.17 -18.49
N ASP A 411 9.28 1.74 -19.20
CA ASP A 411 8.40 0.95 -20.06
C ASP A 411 9.21 0.18 -21.10
N ARG A 412 10.15 0.87 -21.74
CA ARG A 412 10.99 0.26 -22.77
C ARG A 412 11.80 -0.89 -22.21
N GLY A 413 12.48 -0.66 -21.09
CA GLY A 413 13.39 -1.65 -20.54
C GLY A 413 12.71 -2.82 -19.85
N VAL A 414 11.56 -2.55 -19.23
CA VAL A 414 10.90 -3.55 -18.40
C VAL A 414 9.70 -4.20 -19.07
N PHE A 415 8.71 -3.39 -19.43
CA PHE A 415 7.48 -3.90 -20.02
C PHE A 415 7.70 -4.42 -21.44
N LYS A 416 8.49 -3.68 -22.22
CA LYS A 416 8.79 -4.09 -23.58
C LYS A 416 10.06 -4.94 -23.64
N GLY A 417 10.82 -4.93 -22.55
CA GLY A 417 12.09 -5.64 -22.50
C GLY A 417 12.05 -6.86 -21.60
N ILE A 418 12.49 -6.69 -20.36
CA ILE A 418 12.70 -7.81 -19.44
C ILE A 418 11.53 -8.74 -19.31
N LEU A 419 10.33 -8.18 -19.19
CA LEU A 419 9.14 -8.97 -18.88
C LEU A 419 8.59 -9.73 -20.08
N GLN A 420 9.09 -9.39 -21.26
CA GLN A 420 8.61 -10.02 -22.50
C GLN A 420 9.01 -11.49 -22.54
N GLY A 421 8.11 -12.32 -23.06
CA GLY A 421 8.40 -13.73 -23.22
C GLY A 421 8.24 -14.54 -21.94
N THR A 422 7.53 -13.99 -20.98
CA THR A 422 7.24 -14.70 -19.74
C THR A 422 5.75 -14.82 -19.48
N ASP A 423 5.37 -15.84 -18.71
CA ASP A 423 3.99 -15.99 -18.30
C ASP A 423 3.79 -15.22 -17.01
N ILE A 424 3.10 -14.09 -17.12
CA ILE A 424 2.88 -13.24 -15.95
C ILE A 424 1.55 -13.57 -15.30
N VAL A 425 1.61 -13.82 -14.00
CA VAL A 425 0.43 -14.00 -13.18
C VAL A 425 0.52 -12.96 -12.08
N GLY A 426 -0.50 -12.11 -11.99
CA GLY A 426 -0.48 -10.97 -11.10
C GLY A 426 -0.57 -9.70 -11.94
N PRO A 427 -1.24 -8.70 -11.41
CA PRO A 427 -1.34 -7.41 -12.11
C PRO A 427 -0.01 -6.67 -12.19
N LEU A 428 0.22 -6.00 -13.31
CA LEU A 428 1.31 -5.04 -13.40
C LEU A 428 0.68 -3.66 -13.41
N ILE A 429 0.73 -3.00 -12.26
CA ILE A 429 0.00 -1.75 -12.07
C ILE A 429 0.92 -0.54 -12.24
N VAL A 430 0.44 0.43 -13.01
CA VAL A 430 1.21 1.64 -13.28
C VAL A 430 0.28 2.86 -13.31
N TYR A 431 0.61 3.88 -12.53
CA TYR A 431 -0.18 5.11 -12.55
C TYR A 431 0.57 6.25 -11.88
N PRO A 432 0.32 7.46 -12.37
CA PRO A 432 0.98 8.66 -11.88
C PRO A 432 0.43 9.15 -10.56
N LEU A 433 1.30 9.79 -9.79
CA LEU A 433 0.95 10.41 -8.54
C LEU A 433 1.49 11.82 -8.56
N ASN A 434 0.82 12.70 -7.82
CA ASN A 434 1.25 14.09 -7.73
C ASN A 434 1.99 14.36 -6.43
N LYS A 435 3.28 14.68 -6.54
CA LYS A 435 4.10 14.93 -5.35
C LYS A 435 3.50 16.00 -4.45
N SER A 436 2.75 16.93 -5.04
CA SER A 436 2.18 18.04 -4.30
C SER A 436 1.27 17.55 -3.19
N MET A 437 0.70 16.37 -3.37
CA MET A 437 -0.24 15.81 -2.42
C MET A 437 0.45 14.96 -1.36
N TRP A 438 1.77 14.89 -1.45
CA TRP A 438 2.58 14.24 -0.43
C TRP A 438 3.26 15.29 0.45
N ASP A 439 3.37 14.97 1.73
CA ASP A 439 4.06 15.84 2.68
C ASP A 439 5.49 15.32 2.84
N ASP A 440 6.45 16.02 2.27
CA ASP A 440 7.84 15.54 2.31
C ASP A 440 8.44 15.56 3.70
N GLY A 441 7.76 16.23 4.63
CA GLY A 441 8.21 16.26 6.01
C GLY A 441 7.97 14.93 6.69
N MET A 442 7.11 14.11 6.09
CA MET A 442 6.83 12.78 6.63
C MET A 442 7.91 11.80 6.19
N SER A 443 7.97 10.66 6.86
CA SER A 443 9.05 9.69 6.64
C SER A 443 9.01 9.07 5.25
N ALA A 444 7.82 8.93 4.69
CA ALA A 444 7.69 8.32 3.37
C ALA A 444 8.61 9.00 2.36
N ALA A 445 9.30 8.22 1.55
CA ALA A 445 10.21 8.77 0.55
C ALA A 445 9.63 8.65 -0.86
N THR A 446 9.65 9.74 -1.60
CA THR A 446 9.17 9.71 -2.98
C THR A 446 10.20 10.38 -3.88
N PRO A 447 10.13 10.11 -5.17
CA PRO A 447 11.00 10.78 -6.13
C PRO A 447 10.86 12.29 -6.05
N SER A 448 11.82 13.01 -6.62
CA SER A 448 11.87 14.47 -6.48
C SER A 448 10.96 15.20 -7.45
N GLU A 449 10.54 14.53 -8.51
CA GLU A 449 9.75 15.16 -9.56
C GLU A 449 8.29 15.37 -9.14
N ASP A 450 7.67 16.43 -9.68
CA ASP A 450 6.29 16.77 -9.33
C ASP A 450 5.36 15.60 -9.58
N VAL A 451 5.68 14.80 -10.58
CA VAL A 451 4.89 13.64 -10.93
C VAL A 451 5.79 12.42 -10.94
N PHE A 452 5.37 11.38 -10.24
CA PHE A 452 6.05 10.10 -10.33
C PHE A 452 5.00 9.01 -10.42
N TYR A 453 5.41 7.84 -10.89
CA TYR A 453 4.48 6.75 -11.14
C TYR A 453 4.62 5.68 -10.06
N ALA A 454 3.49 5.23 -9.55
CA ALA A 454 3.50 4.00 -8.77
C ALA A 454 3.63 2.86 -9.77
N VAL A 455 4.65 2.03 -9.59
CA VAL A 455 4.81 0.87 -10.42
C VAL A 455 4.79 -0.34 -9.50
N SER A 456 3.76 -1.16 -9.65
CA SER A 456 3.56 -2.31 -8.78
C SER A 456 3.44 -3.59 -9.59
N LEU A 457 4.53 -4.35 -9.63
CA LEU A 457 4.58 -5.60 -10.34
C LEU A 457 4.26 -6.72 -9.35
N LEU A 458 2.99 -7.10 -9.31
CA LEU A 458 2.49 -8.02 -8.29
C LEU A 458 2.64 -9.46 -8.72
N PHE A 459 3.88 -9.90 -8.92
CA PHE A 459 4.17 -11.25 -9.34
C PHE A 459 3.76 -12.29 -8.29
N SER A 460 2.98 -13.28 -8.73
CA SER A 460 2.74 -14.47 -7.92
C SER A 460 3.60 -15.59 -8.48
N SER A 461 4.29 -16.31 -7.60
CA SER A 461 5.12 -17.42 -8.03
C SER A 461 4.33 -18.72 -8.07
N ASN A 465 9.66 -23.77 -9.10
CA ASN A 465 10.89 -23.22 -9.66
C ASN A 465 10.74 -21.77 -10.07
N ASP A 466 9.51 -21.28 -10.03
CA ASP A 466 9.21 -19.93 -10.46
C ASP A 466 9.83 -18.88 -9.56
N LEU A 467 9.84 -19.14 -8.25
CA LEU A 467 10.28 -18.14 -7.29
C LEU A 467 11.67 -17.61 -7.62
N ALA A 468 12.62 -18.51 -7.81
CA ALA A 468 14.00 -18.13 -8.10
C ALA A 468 14.05 -17.28 -9.37
N ARG A 469 13.32 -17.71 -10.40
CA ARG A 469 13.28 -16.97 -11.64
C ARG A 469 12.77 -15.56 -11.39
N LEU A 470 11.67 -15.47 -10.65
CA LEU A 470 11.04 -14.18 -10.38
C LEU A 470 11.96 -13.26 -9.60
N GLN A 471 12.66 -13.82 -8.61
CA GLN A 471 13.55 -13.02 -7.78
C GLN A 471 14.70 -12.47 -8.62
N GLU A 472 15.23 -13.29 -9.51
CA GLU A 472 16.29 -12.86 -10.40
C GLU A 472 15.75 -11.78 -11.35
N GLN A 473 14.53 -12.00 -11.84
CA GLN A 473 13.91 -11.03 -12.72
C GLN A 473 13.84 -9.65 -12.06
N ASN A 474 13.41 -9.63 -10.80
CA ASN A 474 13.34 -8.37 -10.06
C ASN A 474 14.71 -7.72 -9.89
N ARG A 475 15.73 -8.53 -9.60
CA ARG A 475 17.08 -7.99 -9.47
C ARG A 475 17.44 -7.33 -10.79
N ARG A 476 17.09 -8.02 -11.87
CA ARG A 476 17.38 -7.53 -13.21
C ARG A 476 16.66 -6.21 -13.49
N ILE A 477 15.39 -6.12 -13.11
CA ILE A 477 14.66 -4.88 -13.29
C ILE A 477 15.34 -3.76 -12.53
N LEU A 478 15.71 -4.02 -11.29
CA LEU A 478 16.41 -3.03 -10.48
C LEU A 478 17.76 -2.65 -11.11
N ARG A 479 18.50 -3.65 -11.57
CA ARG A 479 19.78 -3.40 -12.22
C ARG A 479 19.59 -2.50 -13.42
N PHE A 480 18.58 -2.80 -14.23
CA PHE A 480 18.26 -1.97 -15.39
C PHE A 480 18.04 -0.51 -14.98
N CYS A 481 17.26 -0.30 -13.92
CA CYS A 481 16.95 1.03 -13.44
C CYS A 481 18.20 1.76 -12.92
N ASP A 482 19.03 1.03 -12.18
CA ASP A 482 20.25 1.61 -11.64
C ASP A 482 21.17 2.03 -12.79
N LEU A 483 21.37 1.13 -13.74
CA LEU A 483 22.22 1.37 -14.89
C LEU A 483 21.70 2.54 -15.74
N ALA A 484 20.38 2.68 -15.77
CA ALA A 484 19.76 3.74 -16.56
C ALA A 484 19.75 5.06 -15.78
N GLY A 485 20.15 4.99 -14.52
CA GLY A 485 20.19 6.18 -13.67
C GLY A 485 18.79 6.68 -13.30
N ILE A 486 17.80 5.79 -13.34
CA ILE A 486 16.45 6.15 -12.92
C ILE A 486 16.40 6.30 -11.41
N GLN A 487 16.09 7.51 -10.96
CA GLN A 487 16.04 7.81 -9.53
C GLN A 487 14.71 7.37 -8.92
N TYR A 488 14.46 6.07 -8.89
CA TYR A 488 13.25 5.54 -8.30
C TYR A 488 13.36 5.50 -6.78
N LYS A 489 12.21 5.34 -6.12
CA LYS A 489 12.16 4.99 -4.71
C LYS A 489 11.39 3.69 -4.62
N THR A 490 11.86 2.76 -3.81
CA THR A 490 11.09 1.56 -3.55
C THR A 490 9.93 1.89 -2.61
N TYR A 491 8.90 1.08 -2.69
CA TYR A 491 7.77 1.18 -1.78
C TYR A 491 7.52 -0.24 -1.30
N LEU A 492 7.26 -0.39 0.00
CA LEU A 492 6.90 -1.69 0.57
C LEU A 492 8.08 -2.66 0.60
N ALA A 493 9.25 -2.15 0.28
CA ALA A 493 10.45 -2.98 0.28
C ALA A 493 11.32 -2.65 1.49
N ARG A 494 12.00 -3.65 2.01
CA ARG A 494 12.96 -3.39 3.06
C ARG A 494 14.35 -3.61 2.49
N HIS A 495 15.26 -2.68 2.78
CA HIS A 495 16.63 -2.82 2.35
C HIS A 495 17.41 -3.45 3.48
N THR A 496 18.60 -3.95 3.19
CA THR A 496 19.33 -4.75 4.15
C THR A 496 20.66 -4.14 4.57
N ASP A 497 21.05 -3.02 3.97
CA ASP A 497 22.21 -2.31 4.47
C ASP A 497 22.02 -0.80 4.55
N ARG A 498 22.84 -0.17 5.38
CA ARG A 498 22.71 1.25 5.66
C ARG A 498 22.68 2.10 4.39
N SER A 499 23.65 1.89 3.52
CA SER A 499 23.79 2.73 2.33
C SER A 499 22.52 2.72 1.48
N ASP A 500 21.87 1.56 1.36
CA ASP A 500 20.65 1.45 0.57
C ASP A 500 19.50 2.23 1.19
N TRP A 501 19.43 2.17 2.52
CA TRP A 501 18.40 2.89 3.25
C TRP A 501 18.65 4.40 3.21
N VAL A 502 19.92 4.79 3.36
CA VAL A 502 20.27 6.21 3.30
C VAL A 502 19.94 6.78 1.93
N ARG A 503 20.20 6.00 0.90
CA ARG A 503 19.85 6.37 -0.47
C ARG A 503 18.33 6.45 -0.63
N HIS A 504 17.62 5.52 -0.02
CA HIS A 504 16.16 5.52 -0.03
C HIS A 504 15.60 6.85 0.46
N PHE A 505 16.02 7.29 1.64
CA PHE A 505 15.48 8.49 2.25
C PHE A 505 16.13 9.77 1.71
N GLY A 506 17.37 9.65 1.22
CA GLY A 506 18.15 10.83 0.89
C GLY A 506 18.80 11.37 2.15
N ALA A 507 19.88 12.13 1.99
CA ALA A 507 20.69 12.55 3.13
C ALA A 507 19.90 13.30 4.20
N ALA A 508 19.15 14.33 3.81
CA ALA A 508 18.45 15.15 4.78
C ALA A 508 17.36 14.37 5.53
N LYS A 509 16.55 13.63 4.79
CA LYS A 509 15.46 12.89 5.41
C LYS A 509 16.01 11.73 6.25
N TRP A 510 17.07 11.10 5.78
CA TRP A 510 17.70 10.06 6.57
C TRP A 510 18.13 10.62 7.92
N ASN A 511 18.81 11.76 7.89
CA ASN A 511 19.30 12.38 9.11
C ASN A 511 18.18 12.69 10.08
N ARG A 512 17.06 13.18 9.54
CA ARG A 512 15.88 13.43 10.36
C ARG A 512 15.33 12.11 10.89
N PHE A 513 15.27 11.11 10.02
CA PHE A 513 14.84 9.77 10.42
C PHE A 513 15.62 9.27 11.64
N VAL A 514 16.94 9.40 11.57
CA VAL A 514 17.81 8.97 12.67
C VAL A 514 17.56 9.81 13.93
N GLU A 515 17.40 11.12 13.76
CA GLU A 515 17.11 11.99 14.89
C GLU A 515 15.84 11.54 15.61
N MET A 516 14.84 11.13 14.84
CA MET A 516 13.57 10.70 15.41
C MET A 516 13.72 9.34 16.09
N LYS A 517 14.56 8.48 15.52
CA LYS A 517 14.84 7.18 16.09
C LYS A 517 15.50 7.32 17.46
N ASN A 518 16.48 8.21 17.55
CA ASN A 518 17.18 8.47 18.79
C ASN A 518 16.21 9.01 19.83
N LYS A 519 15.27 9.82 19.38
CA LYS A 519 14.30 10.44 20.26
C LYS A 519 13.22 9.45 20.70
N TYR A 520 12.75 8.62 19.79
CA TYR A 520 11.56 7.83 20.06
C TYR A 520 11.76 6.33 20.21
N ASP A 521 12.90 5.82 19.72
CA ASP A 521 13.22 4.40 19.84
C ASP A 521 14.73 4.22 19.96
N PRO A 522 15.33 4.84 20.97
CA PRO A 522 16.79 4.86 21.14
C PRO A 522 17.40 3.47 21.27
N LYS A 523 16.63 2.51 21.79
CA LYS A 523 17.14 1.14 21.92
C LYS A 523 17.03 0.37 20.61
N ARG A 524 16.41 0.98 19.62
CA ARG A 524 16.22 0.32 18.32
C ARG A 524 15.54 -1.02 18.52
N LEU A 525 14.36 -0.99 19.11
CA LEU A 525 13.60 -2.21 19.35
C LEU A 525 12.56 -2.42 18.26
N LEU A 526 12.04 -1.32 17.73
CA LEU A 526 10.79 -1.36 16.98
C LEU A 526 10.90 -1.76 15.52
N SER A 527 10.04 -2.70 15.13
CA SER A 527 9.93 -3.12 13.74
C SER A 527 11.28 -3.42 13.11
N PRO A 528 12.01 -4.35 13.73
CA PRO A 528 13.37 -4.70 13.30
C PRO A 528 13.40 -5.30 11.91
N GLY A 529 12.27 -5.87 11.51
CA GLY A 529 12.15 -6.52 10.21
C GLY A 529 12.32 -5.57 9.04
N GLN A 530 12.30 -4.27 9.31
CA GLN A 530 12.57 -3.27 8.28
C GLN A 530 14.07 -3.22 7.97
N ASP A 531 14.87 -3.76 8.88
CA ASP A 531 16.32 -3.85 8.69
C ASP A 531 16.98 -2.50 8.46
N ILE A 532 16.44 -1.45 9.06
CA ILE A 532 17.04 -0.13 8.97
C ILE A 532 18.03 0.08 10.10
N PHE A 533 17.57 -0.18 11.32
CA PHE A 533 18.38 -0.02 12.50
C PHE A 533 18.62 -1.37 13.16
N ASN A 534 18.33 -2.43 12.41
CA ASN A 534 18.49 -3.80 12.90
C ASN A 534 18.95 -4.73 11.80
C1 NAG B . -14.45 5.12 20.55
C2 NAG B . -13.02 4.88 21.05
C3 NAG B . -13.05 4.17 22.40
C4 NAG B . -13.94 4.92 23.39
C5 NAG B . -15.24 5.42 22.77
C6 NAG B . -15.84 6.50 23.68
C7 NAG B . -11.18 4.74 19.49
C8 NAG B . -10.32 3.87 18.63
N2 NAG B . -12.22 4.15 20.11
O3 NAG B . -11.74 4.10 22.92
O4 NAG B . -14.26 4.03 24.44
O5 NAG B . -15.06 5.98 21.48
O6 NAG B . -17.23 6.29 23.78
O7 NAG B . -10.94 5.93 19.61
C1 NAG B . -13.50 4.36 25.63
C2 NAG B . -14.17 3.66 26.82
C3 NAG B . -13.35 3.77 28.11
C4 NAG B . -11.88 3.51 27.85
C5 NAG B . -11.39 4.36 26.67
C6 NAG B . -9.91 4.16 26.42
C7 NAG B . -16.59 3.53 26.66
C8 NAG B . -17.83 4.34 26.38
N2 NAG B . -15.50 4.21 27.02
O3 NAG B . -13.84 2.83 29.04
O4 NAG B . -11.14 3.82 29.01
O5 NAG B . -12.14 4.00 25.52
O6 NAG B . -9.72 3.21 25.38
O7 NAG B . -16.61 2.30 26.56
PA FAD C . 2.04 -5.45 8.57
O1A FAD C . 2.56 -6.02 7.31
O2A FAD C . 1.60 -6.49 9.60
O5B FAD C . 3.18 -4.49 9.18
C5B FAD C . 3.88 -3.63 8.31
C4B FAD C . 4.87 -2.80 9.13
O4B FAD C . 4.20 -1.79 9.84
C3B FAD C . 5.61 -3.66 10.14
O3B FAD C . 6.92 -3.16 10.21
C2B FAD C . 4.89 -3.39 11.44
O2B FAD C . 5.77 -3.45 12.54
C1B FAD C . 4.34 -1.98 11.24
N9A FAD C . 3.04 -1.74 11.88
C8A FAD C . 1.89 -2.48 11.73
N7A FAD C . 0.93 -1.89 12.48
C5A FAD C . 1.44 -0.80 13.08
C6A FAD C . 0.91 0.15 13.94
N6A FAD C . -0.31 -0.01 14.45
N1A FAD C . 1.71 1.18 14.40
C2A FAD C . 3.03 1.25 14.01
N3A FAD C . 3.55 0.32 13.15
C4A FAD C . 2.78 -0.69 12.70
N1 FAD C . -0.38 -1.03 0.05
C2 FAD C . -0.77 0.14 -0.59
O2 FAD C . -0.28 1.21 -0.24
N3 FAD C . -1.68 0.08 -1.61
C4 FAD C . -2.23 -1.13 -2.00
O4 FAD C . -3.07 -1.15 -2.89
C4X FAD C . -1.84 -2.29 -1.36
N5 FAD C . -2.37 -3.51 -1.74
C5X FAD C . -1.98 -4.66 -1.09
C6 FAD C . -2.52 -5.89 -1.44
C7 FAD C . -2.12 -7.06 -0.79
C7M FAD C . -2.95 -8.30 -0.98
C8 FAD C . -1.19 -7.00 0.25
C8M FAD C . -1.03 -8.17 1.20
C9 FAD C . -0.66 -5.76 0.61
C9A FAD C . -1.05 -4.60 -0.06
N10 FAD C . -0.51 -3.39 0.32
C10 FAD C . -0.91 -2.24 -0.33
C1' FAD C . 0.75 -3.34 1.15
C2' FAD C . 0.42 -3.00 2.60
O2' FAD C . 0.19 -1.61 2.73
C3' FAD C . 1.55 -3.43 3.53
O3' FAD C . 1.55 -4.85 3.57
C4' FAD C . 1.45 -2.83 4.93
O4' FAD C . 2.37 -3.49 5.78
C5' FAD C . 0.06 -2.98 5.54
O5' FAD C . -0.09 -4.32 5.91
P FAD C . -0.44 -4.75 7.42
O1P FAD C . -1.53 -3.85 7.91
O2P FAD C . -0.82 -6.23 7.47
O3P FAD C . 0.88 -4.39 8.25
N1 EMU D . -3.09 -6.20 -4.83
C2 EMU D . -3.60 -7.32 -5.39
N3 EMU D . -4.41 -7.30 -6.46
C4 EMU D . -4.76 -6.12 -7.01
C5 EMU D . -4.27 -4.88 -6.48
C6 EMU D . -3.37 -4.97 -5.31
C9 EMU D . -1.48 -4.00 -4.07
N7 EMU D . -4.79 -3.86 -7.26
C8 EMU D . -5.57 -4.52 -8.21
N9 EMU D . -5.58 -5.91 -8.10
C10 EMU D . -0.61 -2.79 -4.28
C11 EMU D . -0.95 -1.87 -5.26
C12 EMU D . -0.16 -0.75 -5.46
C13 EMU D . 0.98 -0.56 -4.69
C14 EMU D . 1.32 -1.48 -3.71
C15 EMU D . 0.53 -2.60 -3.51
N10 EMU D . -2.81 -3.73 -4.69
C1 NAG E . 4.97 -20.30 2.35
C2 NAG E . 5.77 -20.66 3.60
C3 NAG E . 5.85 -22.16 3.80
C4 NAG E . 4.45 -22.75 3.78
C5 NAG E . 3.76 -22.32 2.48
C6 NAG E . 2.35 -22.88 2.38
C7 NAG E . 7.40 -18.96 4.10
C8 NAG E . 8.82 -18.48 4.01
N2 NAG E . 7.12 -20.11 3.52
O3 NAG E . 6.47 -22.45 5.03
O4 NAG E . 4.51 -24.16 3.86
O5 NAG E . 3.70 -20.90 2.43
O6 NAG E . 1.99 -22.92 1.02
O7 NAG E . 6.54 -18.28 4.68
C1 NAG F . 11.82 5.14 30.42
C2 NAG F . 10.76 5.58 31.44
C3 NAG F . 11.23 6.82 32.19
C4 NAG F . 12.55 6.49 32.87
C5 NAG F . 13.54 6.02 31.81
C6 NAG F . 14.87 5.62 32.47
C7 NAG F . 8.57 4.82 30.83
C8 NAG F . 7.20 5.16 30.32
N2 NAG F . 9.48 5.81 30.81
O3 NAG F . 10.28 7.16 33.17
O4 NAG F . 13.04 7.60 33.59
O5 NAG F . 13.03 4.90 31.11
O6 NAG F . 15.55 4.71 31.65
O7 NAG F . 8.84 3.68 31.22
C1 NAG G . 2.24 -12.80 -28.60
C2 NAG G . 3.09 -12.69 -29.86
C3 NAG G . 2.81 -13.86 -30.81
C4 NAG G . 2.82 -15.19 -30.06
C5 NAG G . 2.05 -15.12 -28.74
C6 NAG G . 2.21 -16.39 -27.93
C7 NAG G . 3.80 -10.57 -30.80
C8 NAG G . 3.38 -9.25 -31.37
N2 NAG G . 2.82 -11.43 -30.52
O3 NAG G . 3.78 -13.88 -31.83
O4 NAG G . 2.23 -16.17 -30.88
O5 NAG G . 2.52 -14.03 -27.97
O6 NAG G . 1.61 -16.22 -26.66
O7 NAG G . 4.99 -10.81 -30.60
#